data_1FJX
#
_entry.id   1FJX
#
_cell.length_a   98.46
_cell.length_b   98.46
_cell.length_c   323.22
_cell.angle_alpha   90
_cell.angle_beta   90
_cell.angle_gamma   120
#
_symmetry.space_group_name_H-M   'H 3 2'
#
loop_
_entity.id
_entity.type
_entity.pdbx_description
1 polymer "DNA (5'-D(*TP*GP*AP*TP*AP*GP*CP*GP*CP*TP*AP*TP*C)-3')"
2 polymer 'HHAI DNA METHYLTRANSFERASE'
3 non-polymer 'SULFATE ION'
4 non-polymer S-ADENOSYL-L-HOMOCYSTEINE
5 water water
#
loop_
_entity_poly.entity_id
_entity_poly.type
_entity_poly.pdbx_seq_one_letter_code
_entity_poly.pdbx_strand_id
1 'polydeoxyribonucleotide' (DT)(DG)(DA)(DT)(DA)(DG)(DC)(DG)(DC)(DT)(DA)(DT)(DC) C,D
2 'polypeptide(L)'
;MIEIKDKQLTGLRFIDLFAGLGGFRLALESCGAECVYSNEWDKYAQEVYEMNFGEKPEGDITQVNEKTIPDHDILCAGFP
CQAFSISGKQKGFEDSRGTLFFDIARIVREKKPKVVFMENVKNFASHDNGNTLEVVKNTMNELDYSFHAKVLNALDYGIP
QKRERIYMICFRNDLNIQNFQFPKPFELNTFVKDLLLPDSEVEHLVIDRKDLVMTNQEIEQTTPKTVRLGIVGKGGQGER
IYSTRGIAIGLSAYGGGIFAKTGGYLVNGKTRKLHPRECARVMGYPDSYKVHPSTSQAYKQFGNSVVINVLQYIAYNIGS
SLNFKPY
;
A
#
loop_
_chem_comp.id
_chem_comp.type
_chem_comp.name
_chem_comp.formula
DA DNA linking 2'-DEOXYADENOSINE-5'-MONOPHOSPHATE 'C10 H14 N5 O6 P'
DC DNA linking 2'-DEOXYCYTIDINE-5'-MONOPHOSPHATE 'C9 H14 N3 O7 P'
DG DNA linking 2'-DEOXYGUANOSINE-5'-MONOPHOSPHATE 'C10 H14 N5 O7 P'
DT DNA linking THYMIDINE-5'-MONOPHOSPHATE 'C10 H15 N2 O8 P'
SO4 non-polymer 'SULFATE ION' 'O4 S -2'
#
# COMPACT_ATOMS: atom_id res chain seq x y z
N MET C 1 12.26 1.87 -1.03
CA MET C 1 12.31 1.13 -2.32
C MET C 1 13.72 0.72 -2.62
N ILE C 2 13.92 -0.04 -3.69
CA ILE C 2 15.25 -0.51 -4.06
C ILE C 2 15.53 -0.12 -5.48
N GLU C 3 16.79 -0.08 -5.86
CA GLU C 3 17.09 0.27 -7.24
C GLU C 3 16.92 -0.98 -8.10
N ILE C 4 16.36 -0.81 -9.28
CA ILE C 4 16.15 -1.93 -10.20
C ILE C 4 16.91 -1.62 -11.47
N LYS C 5 18.07 -2.22 -11.66
CA LYS C 5 18.84 -1.93 -12.89
C LYS C 5 18.39 -2.57 -14.21
N ASP C 6 17.80 -3.77 -14.18
CA ASP C 6 17.30 -4.38 -15.42
C ASP C 6 15.83 -4.00 -15.43
N LYS C 7 15.58 -2.84 -15.99
CA LYS C 7 14.25 -2.26 -16.06
C LYS C 7 13.34 -3.07 -16.97
N GLN C 8 12.44 -3.82 -16.35
CA GLN C 8 11.54 -4.66 -17.11
C GLN C 8 10.38 -3.98 -17.77
N LEU C 9 9.98 -2.82 -17.28
CA LEU C 9 8.80 -2.17 -17.86
C LEU C 9 9.08 -0.99 -18.75
N THR C 10 10.29 -0.91 -19.25
CA THR C 10 10.76 0.20 -20.06
C THR C 10 9.87 0.90 -21.10
N GLY C 11 9.21 0.16 -21.98
CA GLY C 11 8.42 0.88 -22.96
C GLY C 11 6.95 1.07 -22.65
N LEU C 12 6.54 0.52 -21.52
CA LEU C 12 5.15 0.53 -21.09
C LEU C 12 4.60 1.81 -20.47
N ARG C 13 3.32 2.08 -20.72
CA ARG C 13 2.59 3.25 -20.21
C ARG C 13 1.63 2.70 -19.14
N PHE C 14 1.35 3.47 -18.09
CA PHE C 14 0.46 3.03 -17.05
C PHE C 14 -0.31 4.19 -16.44
N ILE C 15 -1.50 3.90 -15.89
CA ILE C 15 -2.32 4.91 -15.25
C ILE C 15 -2.38 4.67 -13.73
N ASP C 16 -2.38 5.76 -12.98
CA ASP C 16 -2.37 5.72 -11.53
C ASP C 16 -3.77 6.00 -10.99
N LEU C 17 -4.60 4.97 -10.91
CA LEU C 17 -5.95 5.19 -10.40
C LEU C 17 -5.85 5.25 -8.88
N PHE C 18 -6.66 6.09 -8.25
CA PHE C 18 -6.63 6.22 -6.81
C PHE C 18 -5.20 6.45 -6.36
N ALA C 19 -4.51 7.32 -7.09
CA ALA C 19 -3.13 7.64 -6.85
C ALA C 19 -2.68 7.73 -5.41
N GLY C 20 -3.47 8.37 -4.57
CA GLY C 20 -3.08 8.53 -3.17
C GLY C 20 -1.76 9.29 -3.11
N LEU C 21 -0.73 8.69 -2.52
CA LEU C 21 0.59 9.32 -2.41
C LEU C 21 1.39 9.06 -3.65
N GLY C 22 0.92 8.15 -4.47
CA GLY C 22 1.62 7.81 -5.69
C GLY C 22 2.55 6.62 -5.59
N GLY C 23 2.39 5.82 -4.53
CA GLY C 23 3.24 4.66 -4.38
C GLY C 23 3.26 3.75 -5.59
N PHE C 24 2.16 3.69 -6.33
CA PHE C 24 2.14 2.82 -7.49
C PHE C 24 3.01 3.41 -8.57
N ARG C 25 3.09 4.72 -8.60
CA ARG C 25 3.91 5.36 -9.59
C ARG C 25 5.40 5.16 -9.31
N LEU C 26 5.81 5.34 -8.06
CA LEU C 26 7.20 5.15 -7.72
C LEU C 26 7.69 3.77 -8.11
N ALA C 27 6.91 2.76 -7.78
CA ALA C 27 7.25 1.37 -8.08
C ALA C 27 7.39 1.11 -9.58
N LEU C 28 6.34 1.33 -10.34
CA LEU C 28 6.44 1.05 -11.77
C LEU C 28 7.50 1.94 -12.42
N GLU C 29 7.63 3.19 -11.99
CA GLU C 29 8.65 4.07 -12.57
C GLU C 29 10.03 3.55 -12.32
N SER C 30 10.26 2.94 -11.18
CA SER C 30 11.58 2.41 -10.93
C SER C 30 11.87 1.21 -11.83
N CYS C 31 10.83 0.61 -12.41
CA CYS C 31 11.03 -0.51 -13.33
C CYS C 31 11.12 -0.05 -14.79
N GLY C 32 11.13 1.27 -15.00
CA GLY C 32 11.23 1.81 -16.33
C GLY C 32 9.93 2.28 -16.98
N ALA C 33 8.78 1.94 -16.41
CA ALA C 33 7.50 2.32 -17.01
C ALA C 33 7.22 3.83 -17.00
N GLU C 34 6.16 4.26 -17.70
CA GLU C 34 5.78 5.68 -17.80
C GLU C 34 4.33 5.98 -17.38
N CYS C 35 4.15 6.97 -16.50
CA CYS C 35 2.81 7.34 -16.03
C CYS C 35 2.20 8.38 -16.95
N VAL C 36 1.06 8.05 -17.52
CA VAL C 36 0.42 8.96 -18.45
C VAL C 36 -0.91 9.52 -17.95
N TYR C 37 -1.23 9.26 -16.69
CA TYR C 37 -2.48 9.71 -16.12
C TYR C 37 -2.55 9.34 -14.65
N SER C 38 -3.14 10.21 -13.86
CA SER C 38 -3.27 9.92 -12.46
C SER C 38 -4.65 10.36 -12.08
N ASN C 39 -5.25 9.67 -11.13
CA ASN C 39 -6.57 10.02 -10.66
C ASN C 39 -6.60 9.84 -9.15
N GLU C 40 -7.08 10.86 -8.46
CA GLU C 40 -7.16 10.84 -7.01
C GLU C 40 -7.99 12.05 -6.65
N TRP C 41 -9.02 11.90 -5.81
CA TRP C 41 -9.89 13.05 -5.48
C TRP C 41 -9.67 13.87 -4.23
N ASP C 42 -8.85 13.37 -3.31
CA ASP C 42 -8.58 14.05 -2.06
C ASP C 42 -7.67 15.24 -2.28
N LYS C 43 -8.15 16.43 -1.91
CA LYS C 43 -7.39 17.66 -2.09
C LYS C 43 -5.94 17.64 -1.54
N TYR C 44 -5.75 17.00 -0.40
CA TYR C 44 -4.44 16.93 0.22
C TYR C 44 -3.56 15.90 -0.47
N ALA C 45 -4.17 14.86 -1.02
CA ALA C 45 -3.41 13.82 -1.71
C ALA C 45 -2.92 14.48 -2.96
N GLN C 46 -3.83 15.20 -3.60
CA GLN C 46 -3.54 15.92 -4.84
C GLN C 46 -2.37 16.86 -4.71
N GLU C 47 -2.26 17.47 -3.54
CA GLU C 47 -1.19 18.41 -3.26
C GLU C 47 0.13 17.70 -3.05
N VAL C 48 0.10 16.53 -2.41
CA VAL C 48 1.34 15.79 -2.17
C VAL C 48 1.80 15.19 -3.48
N TYR C 49 0.83 14.78 -4.30
CA TYR C 49 1.13 14.18 -5.59
C TYR C 49 1.63 15.25 -6.54
N GLU C 50 1.17 16.47 -6.38
CA GLU C 50 1.65 17.56 -7.23
C GLU C 50 3.05 17.98 -6.77
N MET C 51 3.25 17.95 -5.47
CA MET C 51 4.52 18.29 -4.82
C MET C 51 5.62 17.33 -5.22
N ASN C 52 5.27 16.06 -5.39
CA ASN C 52 6.28 15.08 -5.76
C ASN C 52 6.38 14.74 -7.24
N PHE C 53 5.26 14.80 -7.99
CA PHE C 53 5.28 14.45 -9.41
C PHE C 53 4.95 15.59 -10.33
N GLY C 54 4.75 16.78 -9.77
CA GLY C 54 4.44 17.94 -10.58
C GLY C 54 3.10 17.89 -11.32
N GLU C 55 2.29 16.87 -11.05
CA GLU C 55 1.00 16.72 -11.69
C GLU C 55 -0.05 16.72 -10.62
N LYS C 56 -1.24 17.18 -10.95
CA LYS C 56 -2.35 17.12 -10.03
C LYS C 56 -3.28 16.11 -10.69
N PRO C 57 -3.62 15.03 -9.99
CA PRO C 57 -4.52 14.00 -10.50
C PRO C 57 -5.91 14.54 -10.83
N GLU C 58 -6.62 13.87 -11.73
CA GLU C 58 -7.95 14.32 -12.06
C GLU C 58 -8.82 13.95 -10.89
N GLY C 59 -10.01 14.53 -10.80
CA GLY C 59 -10.91 14.26 -9.68
C GLY C 59 -11.70 12.96 -9.71
N ASP C 60 -12.73 12.91 -8.88
CA ASP C 60 -13.65 11.75 -8.74
C ASP C 60 -13.81 10.85 -9.96
N ILE C 61 -13.17 9.68 -9.92
CA ILE C 61 -13.22 8.72 -11.00
C ILE C 61 -14.64 8.36 -11.41
N THR C 62 -15.57 8.37 -10.47
CA THR C 62 -16.98 8.03 -10.75
C THR C 62 -17.60 8.83 -11.92
N GLN C 63 -17.25 10.10 -12.04
CA GLN C 63 -17.80 10.96 -13.10
C GLN C 63 -16.75 11.42 -14.12
N VAL C 64 -15.91 10.48 -14.50
CA VAL C 64 -14.87 10.69 -15.48
C VAL C 64 -15.13 9.78 -16.68
N ASN C 65 -15.47 10.41 -17.80
CA ASN C 65 -15.74 9.71 -19.04
C ASN C 65 -14.55 8.80 -19.35
N GLU C 66 -14.69 7.50 -19.11
CA GLU C 66 -13.61 6.52 -19.34
C GLU C 66 -12.85 6.64 -20.66
N LYS C 67 -13.55 7.02 -21.72
CA LYS C 67 -12.95 7.18 -23.05
C LYS C 67 -11.86 8.26 -23.03
N THR C 68 -11.92 9.11 -22.01
CA THR C 68 -10.99 10.21 -21.79
C THR C 68 -9.65 9.71 -21.28
N ILE C 69 -9.67 8.55 -20.66
CA ILE C 69 -8.46 8.00 -20.11
C ILE C 69 -7.49 7.63 -21.22
N PRO C 70 -6.26 8.17 -21.15
CA PRO C 70 -5.20 7.94 -22.14
C PRO C 70 -4.89 6.47 -22.32
N ASP C 71 -4.50 6.11 -23.53
CA ASP C 71 -4.14 4.73 -23.88
C ASP C 71 -3.06 4.31 -22.86
N HIS C 72 -3.14 3.08 -22.37
CA HIS C 72 -2.17 2.60 -21.38
C HIS C 72 -2.06 1.09 -21.41
N ASP C 73 -0.91 0.58 -20.96
CA ASP C 73 -0.66 -0.86 -20.97
C ASP C 73 -0.95 -1.56 -19.66
N ILE C 74 -0.77 -0.84 -18.56
CA ILE C 74 -1.04 -1.41 -17.24
C ILE C 74 -1.87 -0.40 -16.48
N LEU C 75 -2.93 -0.86 -15.82
CA LEU C 75 -3.79 0.02 -15.05
C LEU C 75 -3.48 -0.36 -13.61
N CYS C 76 -3.13 0.64 -12.80
CA CYS C 76 -2.82 0.39 -11.41
C CYS C 76 -3.96 1.00 -10.63
N ALA C 77 -4.37 0.32 -9.56
CA ALA C 77 -5.44 0.81 -8.70
C ALA C 77 -5.40 0.21 -7.33
N GLY C 78 -5.16 1.04 -6.32
CA GLY C 78 -5.18 0.57 -4.95
C GLY C 78 -6.50 1.12 -4.50
N PHE C 79 -7.60 0.42 -4.77
CA PHE C 79 -8.92 0.93 -4.43
C PHE C 79 -9.30 0.96 -2.96
N PRO C 80 -10.24 1.84 -2.59
CA PRO C 80 -10.69 1.98 -1.21
C PRO C 80 -10.90 0.63 -0.58
N CYS C 81 -10.77 0.59 0.75
CA CYS C 81 -10.89 -0.68 1.44
C CYS C 81 -11.72 -0.60 2.69
N GLN C 82 -12.10 0.61 3.08
CA GLN C 82 -12.89 0.74 4.30
C GLN C 82 -14.01 -0.29 4.35
N ALA C 83 -14.65 -0.49 3.21
CA ALA C 83 -15.78 -1.39 3.10
C ALA C 83 -15.45 -2.86 3.16
N PHE C 84 -14.18 -3.22 3.23
CA PHE C 84 -13.82 -4.64 3.26
C PHE C 84 -12.90 -4.96 4.43
N SER C 85 -12.41 -3.92 5.08
CA SER C 85 -11.49 -4.08 6.19
C SER C 85 -12.02 -4.72 7.46
N ILE C 86 -11.18 -5.57 8.03
CA ILE C 86 -11.46 -6.27 9.27
C ILE C 86 -11.69 -5.19 10.33
N SER C 87 -11.19 -3.99 10.09
CA SER C 87 -11.33 -2.91 11.06
C SER C 87 -12.57 -2.03 10.93
N GLY C 88 -13.43 -2.30 9.95
CA GLY C 88 -14.60 -1.47 9.77
C GLY C 88 -15.89 -2.24 9.83
N LYS C 89 -16.97 -1.59 9.43
CA LYS C 89 -18.30 -2.19 9.43
C LYS C 89 -18.44 -3.39 8.51
N GLN C 90 -17.90 -3.29 7.29
CA GLN C 90 -17.92 -4.37 6.29
C GLN C 90 -19.11 -4.49 5.34
N LYS C 91 -19.70 -3.37 4.95
CA LYS C 91 -20.84 -3.42 4.05
C LYS C 91 -20.47 -3.76 2.60
N GLY C 92 -19.16 -3.96 2.37
CA GLY C 92 -18.66 -4.31 1.06
C GLY C 92 -19.19 -3.45 -0.06
N PHE C 93 -19.73 -4.10 -1.11
CA PHE C 93 -20.27 -3.40 -2.27
C PHE C 93 -21.46 -2.53 -1.91
N GLU C 94 -22.09 -2.84 -0.78
CA GLU C 94 -23.22 -2.04 -0.34
C GLU C 94 -22.75 -0.69 0.22
N ASP C 95 -21.44 -0.46 0.25
CA ASP C 95 -20.89 0.81 0.74
C ASP C 95 -20.59 1.72 -0.44
N SER C 96 -20.79 3.04 -0.27
CA SER C 96 -20.53 4.00 -1.33
C SER C 96 -19.12 3.79 -1.84
N ARG C 97 -18.20 3.75 -0.87
CA ARG C 97 -16.80 3.56 -1.17
C ARG C 97 -16.48 2.13 -1.45
N GLY C 98 -17.51 1.31 -1.68
CA GLY C 98 -17.30 -0.09 -1.96
C GLY C 98 -17.56 -0.44 -3.41
N THR C 99 -18.04 0.52 -4.17
CA THR C 99 -18.36 0.28 -5.57
C THR C 99 -17.23 0.60 -6.55
N LEU C 100 -16.15 1.18 -6.04
CA LEU C 100 -15.01 1.57 -6.89
C LEU C 100 -14.45 0.51 -7.80
N PHE C 101 -14.57 -0.75 -7.43
CA PHE C 101 -14.03 -1.78 -8.29
C PHE C 101 -14.73 -1.77 -9.64
N PHE C 102 -16.02 -1.51 -9.62
CA PHE C 102 -16.79 -1.51 -10.85
C PHE C 102 -16.45 -0.32 -11.72
N ASP C 103 -15.67 0.60 -11.19
CA ASP C 103 -15.24 1.74 -11.98
C ASP C 103 -13.97 1.26 -12.68
N ILE C 104 -13.19 0.45 -11.97
CA ILE C 104 -11.96 -0.11 -12.52
C ILE C 104 -12.39 -0.93 -13.72
N ALA C 105 -13.29 -1.89 -13.48
CA ALA C 105 -13.79 -2.77 -14.54
C ALA C 105 -14.26 -2.02 -15.77
N ARG C 106 -15.06 -0.97 -15.58
CA ARG C 106 -15.53 -0.21 -16.73
C ARG C 106 -14.45 0.59 -17.45
N ILE C 107 -13.38 0.96 -16.75
CA ILE C 107 -12.29 1.66 -17.41
C ILE C 107 -11.55 0.58 -18.17
N VAL C 108 -11.50 -0.62 -17.59
CA VAL C 108 -10.82 -1.75 -18.23
C VAL C 108 -11.57 -2.16 -19.46
N ARG C 109 -12.89 -2.12 -19.38
CA ARG C 109 -13.72 -2.49 -20.52
C ARG C 109 -13.39 -1.63 -21.73
N GLU C 110 -13.38 -0.31 -21.55
CA GLU C 110 -13.11 0.65 -22.64
C GLU C 110 -11.67 0.71 -23.14
N LYS C 111 -10.72 0.82 -22.21
CA LYS C 111 -9.31 0.89 -22.57
C LYS C 111 -8.57 -0.44 -22.69
N LYS C 112 -9.16 -1.56 -22.25
CA LYS C 112 -8.50 -2.87 -22.28
C LYS C 112 -6.98 -2.89 -22.28
N PRO C 113 -6.33 -2.57 -21.13
CA PRO C 113 -4.87 -2.57 -21.07
C PRO C 113 -4.31 -3.97 -20.99
N LYS C 114 -3.01 -4.12 -21.24
CA LYS C 114 -2.39 -5.44 -21.18
C LYS C 114 -2.50 -6.09 -19.82
N VAL C 115 -2.23 -5.31 -18.78
CA VAL C 115 -2.27 -5.81 -17.41
C VAL C 115 -3.14 -4.95 -16.48
N VAL C 116 -3.68 -5.59 -15.43
CA VAL C 116 -4.46 -4.89 -14.43
C VAL C 116 -3.78 -5.26 -13.10
N PHE C 117 -3.29 -4.24 -12.39
CA PHE C 117 -2.57 -4.43 -11.14
C PHE C 117 -3.42 -3.81 -10.04
N MET C 118 -4.03 -4.62 -9.19
CA MET C 118 -4.86 -4.07 -8.13
C MET C 118 -4.38 -4.44 -6.72
N GLU C 119 -4.86 -3.68 -5.72
CA GLU C 119 -4.46 -3.91 -4.33
C GLU C 119 -5.59 -3.63 -3.36
N ASN C 120 -5.71 -4.43 -2.30
CA ASN C 120 -6.69 -4.19 -1.26
C ASN C 120 -6.23 -4.92 0.02
N VAL C 121 -6.97 -4.78 1.13
CA VAL C 121 -6.58 -5.42 2.37
C VAL C 121 -6.80 -6.93 2.35
N LYS C 122 -6.10 -7.68 3.20
CA LYS C 122 -6.24 -9.14 3.25
C LYS C 122 -7.67 -9.66 3.41
N ASN C 123 -8.51 -8.89 4.07
CA ASN C 123 -9.86 -9.34 4.27
C ASN C 123 -10.73 -9.17 3.05
N PHE C 124 -10.20 -8.59 1.99
CA PHE C 124 -10.99 -8.44 0.77
C PHE C 124 -11.14 -9.84 0.20
N ALA C 125 -10.19 -10.70 0.52
CA ALA C 125 -10.19 -12.07 0.06
C ALA C 125 -11.26 -12.94 0.73
N SER C 126 -11.68 -12.61 1.94
CA SER C 126 -12.71 -13.40 2.64
C SER C 126 -14.02 -12.65 2.83
N HIS C 127 -14.04 -11.36 2.55
CA HIS C 127 -15.25 -10.58 2.73
C HIS C 127 -16.45 -11.26 2.14
N ASP C 128 -17.61 -11.08 2.78
CA ASP C 128 -18.90 -11.71 2.41
C ASP C 128 -18.76 -13.14 1.90
N ASN C 129 -18.03 -13.96 2.65
CA ASN C 129 -17.80 -15.38 2.33
C ASN C 129 -16.97 -15.71 1.11
N GLY C 130 -16.38 -14.71 0.49
CA GLY C 130 -15.61 -14.97 -0.70
C GLY C 130 -16.36 -14.40 -1.88
N ASN C 131 -17.52 -13.80 -1.61
CA ASN C 131 -18.33 -13.20 -2.67
C ASN C 131 -17.63 -12.03 -3.37
N THR C 132 -17.04 -11.11 -2.60
CA THR C 132 -16.39 -9.94 -3.19
C THR C 132 -15.29 -10.31 -4.14
N LEU C 133 -14.41 -11.20 -3.71
CA LEU C 133 -13.30 -11.60 -4.55
C LEU C 133 -13.78 -12.36 -5.76
N GLU C 134 -14.80 -13.18 -5.57
CA GLU C 134 -15.36 -13.96 -6.67
C GLU C 134 -15.99 -13.02 -7.68
N VAL C 135 -16.72 -12.01 -7.21
CA VAL C 135 -17.33 -11.10 -8.15
C VAL C 135 -16.22 -10.42 -8.90
N VAL C 136 -15.16 -10.04 -8.21
CA VAL C 136 -14.02 -9.40 -8.84
C VAL C 136 -13.39 -10.36 -9.84
N LYS C 137 -13.16 -11.59 -9.40
CA LYS C 137 -12.56 -12.61 -10.25
C LYS C 137 -13.36 -12.81 -11.51
N ASN C 138 -14.65 -12.98 -11.35
CA ASN C 138 -15.56 -13.18 -12.48
C ASN C 138 -15.62 -11.97 -13.41
N THR C 139 -15.68 -10.77 -12.85
CA THR C 139 -15.75 -9.58 -13.68
C THR C 139 -14.52 -9.46 -14.57
N MET C 140 -13.35 -9.75 -14.01
CA MET C 140 -12.10 -9.67 -14.76
C MET C 140 -12.03 -10.74 -15.82
N ASN C 141 -12.34 -11.97 -15.41
CA ASN C 141 -12.34 -13.11 -16.33
C ASN C 141 -13.33 -12.80 -17.44
N GLU C 142 -14.48 -12.28 -17.05
CA GLU C 142 -15.53 -11.92 -18.00
C GLU C 142 -15.05 -10.86 -19.00
N LEU C 143 -13.98 -10.15 -18.67
CA LEU C 143 -13.40 -9.10 -19.54
C LEU C 143 -12.24 -9.61 -20.40
N ASP C 144 -12.02 -10.93 -20.37
CA ASP C 144 -10.96 -11.61 -21.12
C ASP C 144 -9.58 -11.40 -20.48
N TYR C 145 -9.55 -11.48 -19.15
CA TYR C 145 -8.33 -11.30 -18.40
C TYR C 145 -8.10 -12.48 -17.49
N SER C 146 -6.83 -12.82 -17.24
CA SER C 146 -6.56 -13.90 -16.30
C SER C 146 -6.75 -13.24 -14.96
N PHE C 147 -6.58 -13.97 -13.88
CA PHE C 147 -6.75 -13.35 -12.60
C PHE C 147 -5.95 -14.10 -11.58
N HIS C 148 -4.75 -13.58 -11.30
CA HIS C 148 -3.83 -14.16 -10.33
C HIS C 148 -3.93 -13.32 -9.09
N ALA C 149 -4.32 -13.90 -7.96
CA ALA C 149 -4.42 -13.12 -6.74
C ALA C 149 -3.75 -13.83 -5.58
N LYS C 150 -2.93 -13.12 -4.80
CA LYS C 150 -2.26 -13.75 -3.66
C LYS C 150 -2.00 -12.75 -2.54
N VAL C 151 -1.95 -13.22 -1.30
CA VAL C 151 -1.69 -12.35 -0.17
C VAL C 151 -0.20 -12.29 0.14
N LEU C 152 0.39 -11.08 0.14
CA LEU C 152 1.80 -10.90 0.46
C LEU C 152 1.93 -10.02 1.69
N ASN C 153 2.88 -10.34 2.58
CA ASN C 153 3.11 -9.56 3.78
C ASN C 153 4.36 -8.75 3.60
N ALA C 154 4.28 -7.45 3.90
CA ALA C 154 5.42 -6.55 3.77
C ALA C 154 6.69 -7.15 4.36
N LEU C 155 6.60 -7.70 5.55
CA LEU C 155 7.76 -8.28 6.27
C LEU C 155 8.54 -9.35 5.54
N ASP C 156 7.92 -9.95 4.54
CA ASP C 156 8.55 -11.00 3.77
C ASP C 156 9.31 -10.41 2.60
N TYR C 157 9.19 -9.10 2.40
CA TYR C 157 9.86 -8.46 1.31
C TYR C 157 10.91 -7.42 1.67
N GLY C 158 11.43 -7.49 2.90
CA GLY C 158 12.47 -6.55 3.29
C GLY C 158 12.06 -5.27 4.00
N ILE C 159 10.78 -5.14 4.34
CA ILE C 159 10.29 -3.94 5.02
C ILE C 159 9.78 -4.32 6.40
N PRO C 160 10.36 -3.74 7.45
CA PRO C 160 9.90 -4.08 8.79
C PRO C 160 8.50 -3.57 9.07
N GLN C 161 7.50 -4.23 8.51
CA GLN C 161 6.12 -3.84 8.77
C GLN C 161 5.21 -4.98 8.48
N LYS C 162 4.22 -5.16 9.33
CA LYS C 162 3.26 -6.22 9.10
C LYS C 162 2.19 -5.60 8.24
N ARG C 163 2.14 -5.99 6.99
CA ARG C 163 1.10 -5.44 6.13
C ARG C 163 0.76 -6.49 5.12
N GLU C 164 -0.37 -7.13 5.34
CA GLU C 164 -0.83 -8.19 4.49
C GLU C 164 -1.86 -7.65 3.55
N ARG C 165 -1.53 -7.61 2.27
CA ARG C 165 -2.42 -7.07 1.27
C ARG C 165 -2.63 -8.07 0.15
N ILE C 166 -3.79 -8.01 -0.52
CA ILE C 166 -4.05 -8.90 -1.64
C ILE C 166 -3.67 -8.22 -2.94
N TYR C 167 -2.80 -8.84 -3.70
CA TYR C 167 -2.41 -8.29 -4.99
C TYR C 167 -3.10 -9.14 -6.06
N MET C 168 -3.80 -8.46 -6.97
CA MET C 168 -4.55 -9.08 -8.04
C MET C 168 -3.95 -8.61 -9.37
N ILE C 169 -3.25 -9.53 -10.04
CA ILE C 169 -2.62 -9.25 -11.32
C ILE C 169 -3.37 -9.97 -12.47
N CYS C 170 -3.85 -9.21 -13.45
CA CYS C 170 -4.59 -9.75 -14.58
C CYS C 170 -3.94 -9.36 -15.90
N PHE C 171 -3.72 -10.33 -16.76
CA PHE C 171 -3.14 -10.08 -18.08
C PHE C 171 -4.25 -10.36 -19.06
N ARG C 172 -4.24 -9.67 -20.19
CA ARG C 172 -5.26 -9.92 -21.20
C ARG C 172 -4.97 -11.34 -21.69
N ASN C 173 -6.01 -12.09 -22.00
CA ASN C 173 -5.81 -13.46 -22.47
C ASN C 173 -5.02 -13.51 -23.78
N ASP C 174 -5.14 -12.46 -24.58
CA ASP C 174 -4.46 -12.34 -25.86
C ASP C 174 -2.99 -12.68 -25.67
N LEU C 175 -2.42 -12.05 -24.65
CA LEU C 175 -1.01 -12.17 -24.33
C LEU C 175 -0.54 -13.57 -24.03
N ASN C 176 -1.46 -14.45 -23.67
CA ASN C 176 -1.09 -15.83 -23.38
C ASN C 176 0.02 -15.87 -22.33
N ILE C 177 -0.23 -15.22 -21.21
CA ILE C 177 0.74 -15.15 -20.14
C ILE C 177 0.55 -16.35 -19.24
N GLN C 178 1.51 -17.25 -19.29
CA GLN C 178 1.48 -18.48 -18.50
C GLN C 178 2.65 -18.63 -17.50
N ASN C 179 3.53 -17.63 -17.43
CA ASN C 179 4.71 -17.69 -16.54
C ASN C 179 4.72 -16.70 -15.37
N PHE C 180 3.62 -15.98 -15.15
CA PHE C 180 3.56 -15.04 -14.06
C PHE C 180 3.67 -15.71 -12.72
N GLN C 181 4.34 -15.04 -11.79
CA GLN C 181 4.52 -15.60 -10.47
C GLN C 181 4.75 -14.46 -9.51
N PHE C 182 4.35 -14.66 -8.26
CA PHE C 182 4.52 -13.67 -7.22
C PHE C 182 5.90 -13.80 -6.65
N PRO C 183 6.51 -12.69 -6.21
CA PRO C 183 7.85 -12.75 -5.66
C PRO C 183 8.01 -13.75 -4.55
N LYS C 184 9.11 -14.47 -4.60
CA LYS C 184 9.39 -15.46 -3.60
C LYS C 184 9.89 -14.67 -2.40
N PRO C 185 9.47 -15.07 -1.20
CA PRO C 185 9.91 -14.38 0.01
C PRO C 185 11.39 -14.50 0.24
N PHE C 186 11.87 -13.72 1.20
CA PHE C 186 13.27 -13.75 1.57
C PHE C 186 13.43 -13.23 2.98
N GLU C 187 14.54 -13.62 3.61
CA GLU C 187 14.87 -13.26 4.97
C GLU C 187 14.87 -11.74 5.22
N LEU C 188 14.19 -11.30 6.28
CA LEU C 188 14.11 -9.87 6.64
C LEU C 188 15.38 -9.48 7.37
N ASN C 189 16.02 -8.41 6.93
CA ASN C 189 17.26 -7.94 7.55
C ASN C 189 17.21 -6.53 8.19
N THR C 190 16.03 -5.90 8.14
CA THR C 190 15.83 -4.56 8.70
C THR C 190 14.61 -4.59 9.62
N PHE C 191 14.66 -3.84 10.73
CA PHE C 191 13.58 -3.77 11.73
C PHE C 191 13.25 -2.32 12.07
N VAL C 192 12.23 -2.10 12.87
CA VAL C 192 11.85 -0.72 13.16
C VAL C 192 13.03 0.14 13.62
N LYS C 193 13.73 -0.30 14.66
CA LYS C 193 14.86 0.45 15.22
C LYS C 193 15.86 1.00 14.20
N ASP C 194 15.90 0.37 13.03
CA ASP C 194 16.80 0.77 11.95
C ASP C 194 16.35 1.97 11.16
N LEU C 195 15.04 2.16 11.06
CA LEU C 195 14.48 3.26 10.32
C LEU C 195 14.20 4.47 11.23
N LEU C 196 14.32 4.28 12.54
CA LEU C 196 14.05 5.35 13.50
C LEU C 196 14.97 6.56 13.35
N LEU C 197 14.41 7.78 13.44
CA LEU C 197 15.18 9.04 13.35
C LEU C 197 15.93 9.24 14.66
N PRO C 198 16.84 10.24 14.73
CA PRO C 198 17.56 10.46 15.99
C PRO C 198 16.60 11.10 16.98
N ASP C 199 16.72 10.73 18.25
CA ASP C 199 15.86 11.22 19.32
C ASP C 199 15.64 12.72 19.23
N SER C 200 16.66 13.45 18.77
CA SER C 200 16.57 14.90 18.67
C SER C 200 15.41 15.41 17.86
N GLU C 201 15.13 14.76 16.75
CA GLU C 201 14.05 15.19 15.86
C GLU C 201 12.68 14.62 16.21
N VAL C 202 12.57 13.82 17.26
CA VAL C 202 11.30 13.19 17.62
C VAL C 202 10.82 13.43 19.06
N GLU C 203 11.52 14.28 19.81
CA GLU C 203 11.15 14.56 21.20
C GLU C 203 9.65 14.75 21.36
N HIS C 204 9.10 15.60 20.51
CA HIS C 204 7.69 15.98 20.48
C HIS C 204 6.60 14.92 20.25
N LEU C 205 6.99 13.69 19.89
CA LEU C 205 6.00 12.65 19.66
C LEU C 205 5.91 11.78 20.88
N VAL C 206 6.84 11.98 21.80
CA VAL C 206 6.88 11.20 23.03
C VAL C 206 5.66 11.54 23.85
N ILE C 207 4.98 10.50 24.30
CA ILE C 207 3.78 10.65 25.09
C ILE C 207 4.02 9.90 26.41
N ASP C 208 3.86 10.59 27.54
CA ASP C 208 4.05 9.99 28.88
C ASP C 208 2.70 9.85 29.59
N ARG C 209 2.06 8.70 29.50
CA ARG C 209 0.76 8.55 30.14
C ARG C 209 0.81 7.75 31.42
N LYS C 210 0.23 8.31 32.48
CA LYS C 210 0.19 7.66 33.79
C LYS C 210 -0.40 6.27 33.70
N ASP C 211 -1.32 6.07 32.74
CA ASP C 211 -1.97 4.77 32.55
C ASP C 211 -1.24 3.82 31.58
N LEU C 212 0.06 4.05 31.37
CA LEU C 212 0.89 3.23 30.50
C LEU C 212 1.18 1.94 31.26
N VAL C 213 0.63 0.83 30.79
CA VAL C 213 0.84 -0.42 31.47
C VAL C 213 1.78 -1.33 30.68
N MET C 214 3.02 -1.50 31.16
CA MET C 214 3.96 -2.38 30.48
C MET C 214 3.66 -3.82 30.83
N THR C 215 3.33 -4.59 29.80
CA THR C 215 2.95 -5.98 29.99
C THR C 215 4.01 -7.01 29.60
N ASN C 216 5.01 -6.59 28.83
CA ASN C 216 6.11 -7.45 28.37
C ASN C 216 7.43 -6.67 28.44
N GLN C 217 8.52 -7.42 28.61
CA GLN C 217 9.86 -6.82 28.73
C GLN C 217 10.42 -6.59 27.33
N GLU C 218 11.15 -5.49 27.16
CA GLU C 218 11.77 -5.17 25.88
C GLU C 218 12.61 -6.35 25.42
N ILE C 219 12.93 -6.38 24.12
CA ILE C 219 13.72 -7.48 23.58
C ILE C 219 15.04 -6.96 23.02
N GLU C 220 16.06 -7.82 23.06
CA GLU C 220 17.36 -7.48 22.53
C GLU C 220 17.62 -8.20 21.19
N GLN C 221 17.00 -9.36 21.01
CA GLN C 221 17.13 -10.14 19.79
C GLN C 221 15.97 -9.86 18.82
N THR C 222 16.32 -9.31 17.66
CA THR C 222 15.42 -8.94 16.57
C THR C 222 14.54 -10.09 16.09
N THR C 223 13.32 -9.77 15.69
CA THR C 223 12.36 -10.79 15.26
C THR C 223 11.49 -10.17 14.15
N PRO C 224 11.15 -10.95 13.10
CA PRO C 224 10.32 -10.46 12.01
C PRO C 224 8.83 -10.59 12.40
N LYS C 225 8.45 -9.94 13.48
CA LYS C 225 7.07 -9.97 13.99
C LYS C 225 6.85 -8.83 14.95
N THR C 226 5.59 -8.47 15.13
CA THR C 226 5.19 -7.38 16.03
C THR C 226 5.19 -7.88 17.47
N VAL C 227 6.04 -7.33 18.32
CA VAL C 227 6.06 -7.76 19.71
C VAL C 227 5.44 -6.66 20.55
N ARG C 228 4.26 -6.94 21.10
CA ARG C 228 3.58 -5.95 21.92
C ARG C 228 4.32 -5.85 23.25
N LEU C 229 4.66 -4.63 23.67
CA LEU C 229 5.35 -4.41 24.94
C LEU C 229 4.38 -3.91 25.98
N GLY C 230 3.38 -3.15 25.57
CA GLY C 230 2.43 -2.64 26.54
C GLY C 230 1.26 -1.91 25.93
N ILE C 231 0.33 -1.46 26.76
CA ILE C 231 -0.84 -0.73 26.27
C ILE C 231 -0.96 0.52 27.08
N VAL C 232 -1.92 1.36 26.69
CA VAL C 232 -2.21 2.58 27.41
C VAL C 232 -3.72 2.55 27.55
N GLY C 233 -4.27 3.30 28.49
CA GLY C 233 -5.71 3.28 28.66
C GLY C 233 -6.22 1.85 28.66
N LYS C 234 -7.23 1.60 27.83
CA LYS C 234 -7.86 0.29 27.69
C LYS C 234 -7.14 -0.65 26.72
N GLY C 235 -6.32 -0.10 25.84
CA GLY C 235 -5.59 -0.94 24.92
C GLY C 235 -6.23 -1.16 23.57
N GLY C 236 -7.08 -0.22 23.13
CA GLY C 236 -7.73 -0.33 21.85
C GLY C 236 -6.82 0.10 20.72
N GLN C 237 -7.34 0.18 19.50
CA GLN C 237 -6.53 0.59 18.37
C GLN C 237 -5.79 1.88 18.71
N GLY C 238 -4.50 1.94 18.40
CA GLY C 238 -3.74 3.14 18.68
C GLY C 238 -3.39 3.33 20.16
N GLU C 239 -3.67 2.33 20.98
CA GLU C 239 -3.37 2.42 22.39
C GLU C 239 -2.46 1.31 22.84
N ARG C 240 -1.74 0.73 21.91
CA ARG C 240 -0.83 -0.33 22.23
C ARG C 240 0.56 -0.02 21.71
N ILE C 241 1.53 -0.48 22.48
CA ILE C 241 2.94 -0.23 22.24
C ILE C 241 3.69 -1.47 21.84
N TYR C 242 4.67 -1.27 20.96
CA TYR C 242 5.47 -2.36 20.42
C TYR C 242 6.98 -2.11 20.54
N SER C 243 7.74 -3.19 20.44
CA SER C 243 9.18 -3.11 20.51
C SER C 243 9.67 -2.73 19.16
N THR C 244 10.65 -1.84 19.12
CA THR C 244 11.25 -1.39 17.88
C THR C 244 12.22 -2.44 17.38
N ARG C 245 12.38 -3.53 18.13
CA ARG C 245 13.29 -4.59 17.70
C ARG C 245 12.46 -5.63 16.94
N GLY C 246 11.20 -5.30 16.69
CA GLY C 246 10.32 -6.17 15.95
C GLY C 246 9.91 -5.37 14.74
N ILE C 247 8.81 -5.75 14.12
CA ILE C 247 8.37 -5.03 12.95
C ILE C 247 7.21 -4.12 13.35
N ALA C 248 6.98 -3.08 12.55
CA ALA C 248 5.93 -2.12 12.79
C ALA C 248 4.56 -2.75 12.52
N ILE C 249 3.57 -2.42 13.34
CA ILE C 249 2.21 -2.92 13.10
C ILE C 249 1.77 -2.08 11.91
N GLY C 250 0.71 -2.46 11.21
CA GLY C 250 0.33 -1.66 10.07
C GLY C 250 -0.14 -0.25 10.40
N LEU C 251 0.17 0.70 9.54
CA LEU C 251 -0.28 2.10 9.70
C LEU C 251 -1.69 2.16 9.12
N SER C 252 -2.55 3.04 9.65
CA SER C 252 -3.92 3.16 9.18
C SER C 252 -4.23 4.58 8.80
N ALA C 253 -5.33 4.81 8.07
CA ALA C 253 -5.71 6.15 7.60
C ALA C 253 -6.69 6.97 8.43
N TYR C 254 -7.65 6.30 9.07
CA TYR C 254 -8.64 6.98 9.91
C TYR C 254 -8.44 6.55 11.35
N GLY C 255 -7.38 5.78 11.57
CA GLY C 255 -7.04 5.26 12.88
C GLY C 255 -7.08 6.31 13.94
N GLY C 256 -7.33 5.88 15.18
CA GLY C 256 -7.43 6.79 16.30
C GLY C 256 -6.67 6.20 17.46
N GLY C 257 -6.82 6.84 18.61
CA GLY C 257 -6.11 6.41 19.80
C GLY C 257 -5.07 7.47 20.03
N ILE C 258 -4.32 7.39 21.11
CA ILE C 258 -3.32 8.43 21.33
C ILE C 258 -2.15 8.30 20.36
N PHE C 259 -1.94 7.09 19.84
CA PHE C 259 -0.86 6.78 18.89
C PHE C 259 -1.50 6.55 17.54
N ALA C 260 -2.39 7.45 17.18
CA ALA C 260 -3.17 7.38 15.97
C ALA C 260 -2.44 7.03 14.72
N LYS C 261 -3.01 6.07 13.99
CA LYS C 261 -2.44 5.66 12.71
C LYS C 261 -1.04 5.09 12.72
N THR C 262 -0.33 5.14 13.84
CA THR C 262 1.02 4.60 13.86
C THR C 262 1.26 3.54 14.92
N GLY C 263 0.60 3.67 16.06
CA GLY C 263 0.86 2.74 17.13
C GLY C 263 2.04 3.29 17.92
N GLY C 264 2.19 2.83 19.15
CA GLY C 264 3.26 3.34 19.97
C GLY C 264 4.47 2.47 19.98
N TYR C 265 5.61 3.06 20.27
CA TYR C 265 6.83 2.31 20.29
C TYR C 265 7.72 2.77 21.42
N LEU C 266 8.39 1.79 22.03
CA LEU C 266 9.33 2.04 23.12
C LEU C 266 10.71 2.35 22.51
N VAL C 267 11.10 3.62 22.52
CA VAL C 267 12.40 4.03 22.00
C VAL C 267 13.20 4.62 23.15
N ASN C 268 14.32 3.96 23.48
CA ASN C 268 15.22 4.35 24.59
C ASN C 268 14.49 4.67 25.93
N GLY C 269 13.62 3.77 26.37
CA GLY C 269 12.90 3.95 27.63
C GLY C 269 11.68 4.87 27.57
N LYS C 270 11.53 5.57 26.45
CA LYS C 270 10.41 6.49 26.24
C LYS C 270 9.41 5.81 25.31
N THR C 271 8.19 6.32 25.26
CA THR C 271 7.12 5.72 24.48
C THR C 271 6.57 6.77 23.54
N ARG C 272 6.66 6.52 22.25
CA ARG C 272 6.18 7.50 21.31
C ARG C 272 5.59 6.86 20.05
N LYS C 273 5.00 7.70 19.21
CA LYS C 273 4.43 7.27 17.95
C LYS C 273 5.47 7.65 16.89
N LEU C 274 5.33 7.12 15.69
CA LEU C 274 6.24 7.40 14.61
C LEU C 274 6.01 8.80 14.04
N HIS C 275 7.04 9.37 13.43
CA HIS C 275 7.01 10.69 12.79
C HIS C 275 6.60 10.39 11.34
N PRO C 276 5.99 11.34 10.61
CA PRO C 276 5.59 11.02 9.23
C PRO C 276 6.70 10.45 8.35
N ARG C 277 7.93 10.84 8.66
CA ARG C 277 9.10 10.38 7.93
C ARG C 277 9.36 8.93 8.23
N GLU C 278 9.18 8.54 9.48
CA GLU C 278 9.39 7.14 9.80
C GLU C 278 8.28 6.34 9.12
N CYS C 279 7.11 6.94 8.95
CA CYS C 279 6.03 6.24 8.27
C CYS C 279 6.46 6.02 6.83
N ALA C 280 7.08 7.03 6.23
CA ALA C 280 7.55 6.92 4.85
C ALA C 280 8.48 5.74 4.69
N ARG C 281 9.38 5.59 5.64
CA ARG C 281 10.36 4.51 5.58
C ARG C 281 9.76 3.14 5.81
N VAL C 282 8.77 3.08 6.68
CA VAL C 282 8.07 1.84 7.02
C VAL C 282 7.20 1.40 5.82
N MET C 283 6.89 2.33 4.91
CA MET C 283 6.13 2.02 3.70
C MET C 283 7.09 1.91 2.54
N GLY C 284 8.38 1.95 2.84
CA GLY C 284 9.39 1.83 1.82
C GLY C 284 9.52 3.05 0.93
N TYR C 285 9.09 4.22 1.36
CA TYR C 285 9.22 5.42 0.55
C TYR C 285 10.61 5.98 0.77
N PRO C 286 11.25 6.54 -0.27
CA PRO C 286 12.60 7.11 -0.19
C PRO C 286 12.61 8.41 0.56
N ASP C 287 13.74 8.75 1.16
CA ASP C 287 13.81 9.96 1.96
C ASP C 287 13.58 11.23 1.12
N SER C 288 13.79 11.10 -0.19
CA SER C 288 13.58 12.22 -1.10
C SER C 288 12.11 12.58 -1.28
N TYR C 289 11.20 11.67 -0.91
CA TYR C 289 9.80 11.92 -1.06
C TYR C 289 9.35 12.99 -0.08
N LYS C 290 8.75 14.05 -0.61
CA LYS C 290 8.26 15.18 0.19
C LYS C 290 6.94 14.88 0.91
N VAL C 291 6.94 14.91 2.24
CA VAL C 291 5.68 14.67 2.94
C VAL C 291 4.77 15.91 3.01
N HIS C 292 3.47 15.65 3.01
CA HIS C 292 2.51 16.68 3.06
C HIS C 292 2.74 17.44 4.36
N PRO C 293 2.56 18.78 4.34
CA PRO C 293 2.75 19.68 5.48
C PRO C 293 1.86 19.45 6.69
N SER C 294 0.71 18.85 6.47
CA SER C 294 -0.21 18.54 7.57
C SER C 294 0.14 17.14 8.04
N THR C 295 0.65 17.01 9.25
CA THR C 295 1.01 15.70 9.76
C THR C 295 -0.17 14.74 9.76
N SER C 296 -1.36 15.27 10.02
CA SER C 296 -2.56 14.43 10.05
C SER C 296 -2.87 13.80 8.70
N GLN C 297 -2.85 14.61 7.66
CA GLN C 297 -3.11 14.13 6.33
C GLN C 297 -1.93 13.29 5.89
N ALA C 298 -0.74 13.65 6.30
CA ALA C 298 0.43 12.89 5.94
C ALA C 298 0.24 11.47 6.44
N TYR C 299 -0.10 11.35 7.73
CA TYR C 299 -0.35 10.07 8.39
C TYR C 299 -1.48 9.32 7.69
N LYS C 300 -2.55 10.03 7.35
CA LYS C 300 -3.68 9.42 6.68
C LYS C 300 -3.20 8.91 5.32
N GLN C 301 -2.42 9.73 4.65
CA GLN C 301 -1.89 9.41 3.33
C GLN C 301 -1.00 8.18 3.37
N PHE C 302 -0.09 8.15 4.33
CA PHE C 302 0.78 6.97 4.47
C PHE C 302 0.01 5.74 4.91
N GLY C 303 -1.00 5.91 5.76
CA GLY C 303 -1.80 4.78 6.24
C GLY C 303 -2.66 4.10 5.18
N ASN C 304 -3.00 4.83 4.13
CA ASN C 304 -3.79 4.32 3.00
C ASN C 304 -2.88 3.68 1.95
N SER C 305 -1.61 4.03 1.98
CA SER C 305 -0.66 3.60 0.96
C SER C 305 -0.27 2.15 0.85
N VAL C 306 0.77 1.92 0.06
CA VAL C 306 1.29 0.59 -0.19
C VAL C 306 2.77 0.56 0.11
N VAL C 307 3.32 -0.61 0.40
CA VAL C 307 4.74 -0.70 0.67
C VAL C 307 5.36 -0.81 -0.72
N ILE C 308 6.14 0.19 -1.08
CA ILE C 308 6.74 0.25 -2.40
C ILE C 308 7.46 -1.02 -2.80
N ASN C 309 8.39 -1.43 -1.95
CA ASN C 309 9.22 -2.61 -2.21
C ASN C 309 8.44 -3.79 -2.75
N VAL C 310 7.34 -4.14 -2.07
CA VAL C 310 6.53 -5.27 -2.49
C VAL C 310 6.13 -5.08 -3.94
N LEU C 311 5.65 -3.89 -4.21
CA LEU C 311 5.20 -3.54 -5.53
C LEU C 311 6.25 -3.58 -6.60
N GLN C 312 7.48 -3.32 -6.22
CA GLN C 312 8.57 -3.32 -7.17
C GLN C 312 8.76 -4.73 -7.64
N TYR C 313 8.87 -5.66 -6.70
CA TYR C 313 9.05 -7.04 -7.09
C TYR C 313 7.89 -7.53 -7.97
N ILE C 314 6.67 -7.16 -7.63
CA ILE C 314 5.54 -7.58 -8.45
C ILE C 314 5.69 -6.92 -9.81
N ALA C 315 5.96 -5.62 -9.84
CA ALA C 315 6.13 -4.91 -11.11
C ALA C 315 7.24 -5.51 -11.99
N TYR C 316 8.33 -5.94 -11.37
CA TYR C 316 9.42 -6.54 -12.10
C TYR C 316 8.95 -7.81 -12.75
N ASN C 317 8.20 -8.59 -11.98
CA ASN C 317 7.68 -9.87 -12.43
C ASN C 317 6.59 -9.81 -13.49
N ILE C 318 5.83 -8.71 -13.47
CA ILE C 318 4.80 -8.45 -14.48
C ILE C 318 5.61 -8.21 -15.75
N GLY C 319 6.64 -7.36 -15.64
CA GLY C 319 7.49 -7.07 -16.77
C GLY C 319 8.20 -8.31 -17.25
N SER C 320 8.70 -9.11 -16.32
CA SER C 320 9.38 -10.33 -16.70
C SER C 320 8.47 -11.23 -17.52
N SER C 321 7.24 -11.43 -17.08
CA SER C 321 6.31 -12.29 -17.83
C SER C 321 6.01 -11.69 -19.18
N LEU C 322 5.58 -10.43 -19.19
CA LEU C 322 5.27 -9.74 -20.43
C LEU C 322 6.42 -9.82 -21.44
N ASN C 323 7.65 -9.76 -20.92
CA ASN C 323 8.83 -9.76 -21.78
C ASN C 323 9.24 -11.07 -22.43
N PHE C 324 8.75 -12.19 -21.90
CA PHE C 324 9.11 -13.50 -22.45
C PHE C 324 8.20 -13.83 -23.63
N LYS C 325 8.63 -13.50 -24.84
CA LYS C 325 7.84 -13.74 -26.05
C LYS C 325 8.69 -14.42 -27.11
N PRO C 326 9.18 -15.64 -26.83
CA PRO C 326 10.03 -16.31 -27.82
C PRO C 326 9.34 -16.73 -29.10
N TYR C 327 10.15 -17.24 -30.02
CA TYR C 327 9.68 -17.69 -31.31
C TYR C 327 9.17 -19.09 -31.22
S SO4 D . 14.25 19.28 -3.10
O1 SO4 D . 13.07 20.05 -3.22
O2 SO4 D . 14.72 18.95 -4.40
O3 SO4 D . 13.89 18.01 -2.53
O4 SO4 D . 15.18 19.94 -2.23
S SO4 E . 14.60 16.74 5.12
O1 SO4 E . 13.67 15.92 4.37
O2 SO4 E . 15.87 16.73 4.47
O3 SO4 E . 14.71 16.39 6.50
O4 SO4 E . 14.12 18.07 5.04
N SAH F . -2.15 3.18 -3.36
CA SAH F . -2.40 4.59 -3.12
CB SAH F . -3.38 4.83 -1.98
CG SAH F . -4.71 4.12 -2.20
SD SAH F . -5.99 4.43 -0.97
C SAH F . -1.04 5.10 -2.79
O SAH F . -0.90 5.83 -1.73
OXT SAH F . -0.05 4.44 -3.32
C5' SAH F . -7.62 4.79 -1.63
C4' SAH F . -7.33 6.09 -2.30
O4' SAH F . -8.33 6.34 -3.33
C3' SAH F . -7.36 7.32 -1.38
O3' SAH F . -6.40 8.27 -1.84
C2' SAH F . -8.73 7.91 -1.67
O2' SAH F . -8.75 9.29 -1.44
C1' SAH F . -8.85 7.62 -3.15
N9 SAH F . -10.22 7.65 -3.64
C8 SAH F . -11.32 7.07 -3.08
N7 SAH F . -12.43 7.28 -3.77
C5 SAH F . -12.02 8.03 -4.86
C6 SAH F . -12.70 8.58 -5.96
N6 SAH F . -14.01 8.45 -6.15
N1 SAH F . -11.99 9.28 -6.86
C2 SAH F . -10.67 9.43 -6.67
N3 SAH F . -9.91 8.97 -5.67
C4 SAH F . -10.66 8.27 -4.79
HN1 SAH F . -1.31 3.01 -3.83
HN2 SAH F . -2.81 2.47 -3.14
HO3' SAH F . -6.67 8.46 -2.73
HO2' SAH F . -8.31 9.70 -2.19
HN61 SAH F . -14.55 7.91 -5.49
HN62 SAH F . -14.45 8.90 -6.93
#